data_6YPT
#
_entry.id   6YPT
#
_cell.length_a   37.930
_cell.length_b   51.860
_cell.length_c   125.250
_cell.angle_alpha   90.000
_cell.angle_beta   98.370
_cell.angle_gamma   90.000
#
_symmetry.space_group_name_H-M   'P 1 21 1'
#
loop_
_entity.id
_entity.type
_entity.pdbx_description
1 polymer 'RNA replicase polyprotein'
2 polymer Polyubiquitin-C
3 non-polymer 'METHYL 4-AMINOBUTANOATE'
#
loop_
_entity_poly.entity_id
_entity_poly.type
_entity_poly.pdbx_seq_one_letter_code
_entity_poly.pdbx_strand_id
1 'polypeptide(L)'
;MHHHHHHGSSQLLPAPLTNDPTAIGPVLPFEELHPRRYPENTATFLTRLRSLPSNHLPQPTLNCLLSAVSDQTKVSEEHL
WESLQTILPDSQLSNEETNTLGLSTEHLTALAHLYNFQATVYSDRGPILFGPSDTIKRIDITHTTGPPSHFSPGKRLLGS
;
A,C
2 'polypeptide(L)'
;MYPYDVPDYAMQIFVKTLTGKTITLEVEPSDTIENVKAKIQDKEGIPPDQQRLIFAGKQLEDGRTLSDYNIQKESTLHLV
LRLRG
;
B,D
#
# COMPACT_ATOMS: atom_id res chain seq x y z
N LEU A 13 -12.29 8.44 13.28
CA LEU A 13 -13.58 8.29 13.96
C LEU A 13 -14.68 9.18 13.36
N PRO A 14 -14.42 10.46 13.10
CA PRO A 14 -15.43 11.27 12.42
C PRO A 14 -15.67 10.79 11.00
N ALA A 15 -16.90 11.03 10.51
CA ALA A 15 -17.30 10.54 9.20
C ALA A 15 -17.68 11.70 8.27
N PRO A 16 -17.25 11.64 7.01
CA PRO A 16 -17.64 12.72 6.08
C PRO A 16 -19.09 12.64 5.64
N LEU A 17 -19.62 11.43 5.45
CA LEU A 17 -21.00 11.27 5.00
C LEU A 17 -22.02 11.59 6.08
N THR A 18 -21.57 11.89 7.31
CA THR A 18 -22.52 12.26 8.36
C THR A 18 -23.24 13.55 8.03
N ASN A 19 -22.49 14.56 7.53
CA ASN A 19 -23.06 15.83 7.13
C ASN A 19 -22.99 16.02 5.61
N ASP A 20 -22.95 14.94 4.85
CA ASP A 20 -22.86 15.02 3.40
C ASP A 20 -24.04 15.84 2.85
N PRO A 21 -23.80 16.80 1.96
CA PRO A 21 -24.90 17.63 1.46
C PRO A 21 -25.69 16.98 0.33
N THR A 22 -25.19 15.91 -0.28
CA THR A 22 -25.88 15.23 -1.35
C THR A 22 -26.74 14.07 -0.87
N ALA A 23 -26.99 13.97 0.43
CA ALA A 23 -27.78 12.89 0.99
C ALA A 23 -28.71 13.43 2.07
N ILE A 24 -29.90 12.84 2.16
CA ILE A 24 -30.87 13.20 3.18
C ILE A 24 -31.05 12.02 4.11
N GLY A 25 -31.62 12.30 5.29
CA GLY A 25 -31.89 11.27 6.27
C GLY A 25 -30.68 10.99 7.14
N PRO A 26 -30.85 10.11 8.13
CA PRO A 26 -29.74 9.79 9.01
C PRO A 26 -28.92 8.61 8.49
N VAL A 27 -27.92 8.19 9.27
CA VAL A 27 -27.06 7.09 8.87
C VAL A 27 -27.79 5.78 9.08
N LEU A 28 -27.98 5.04 7.99
CA LEU A 28 -28.63 3.73 8.01
C LEU A 28 -27.85 2.76 7.15
N PRO A 29 -27.93 1.47 7.45
CA PRO A 29 -27.25 0.47 6.62
C PRO A 29 -27.85 0.39 5.23
N PHE A 30 -27.02 -0.07 4.29
CA PHE A 30 -27.47 -0.16 2.90
C PHE A 30 -28.61 -1.15 2.73
N GLU A 31 -28.64 -2.20 3.56
CA GLU A 31 -29.70 -3.19 3.43
C GLU A 31 -31.05 -2.64 3.89
N GLU A 32 -31.05 -1.67 4.82
CA GLU A 32 -32.30 -1.06 5.24
C GLU A 32 -32.83 -0.07 4.22
N LEU A 33 -31.92 0.70 3.60
CA LEU A 33 -32.36 1.69 2.61
C LEU A 33 -32.82 1.03 1.32
N HIS A 34 -32.06 0.04 0.84
CA HIS A 34 -32.40 -0.68 -0.38
C HIS A 34 -32.33 -2.18 -0.07
N PRO A 35 -33.45 -2.78 0.32
CA PRO A 35 -33.43 -4.19 0.72
C PRO A 35 -33.55 -5.13 -0.47
N ARG A 36 -32.78 -6.21 -0.42
CA ARG A 36 -32.82 -7.28 -1.41
C ARG A 36 -32.49 -8.59 -0.69
N ARG A 37 -32.14 -9.61 -1.45
CA ARG A 37 -31.67 -10.88 -0.90
C ARG A 37 -30.15 -10.98 -0.99
N TYR A 38 -29.49 -10.01 -0.37
CA TYR A 38 -28.04 -9.95 -0.39
C TYR A 38 -27.43 -11.14 0.35
N PRO A 39 -26.17 -11.48 0.05
CA PRO A 39 -25.47 -12.46 0.87
C PRO A 39 -25.36 -11.97 2.30
N GLU A 40 -25.45 -12.91 3.24
CA GLU A 40 -25.55 -12.59 4.67
C GLU A 40 -24.48 -11.59 5.10
N ASN A 41 -24.95 -10.42 5.55
CA ASN A 41 -24.18 -9.34 6.16
C ASN A 41 -23.31 -8.58 5.16
N THR A 42 -23.34 -8.91 3.89
CA THR A 42 -22.53 -8.20 2.90
C THR A 42 -23.09 -6.83 2.54
N ALA A 43 -24.21 -6.42 3.12
CA ALA A 43 -24.81 -5.12 2.84
C ALA A 43 -24.96 -4.26 4.09
N THR A 44 -24.32 -4.64 5.19
CA THR A 44 -24.44 -3.92 6.46
C THR A 44 -23.61 -2.65 6.51
N PHE A 45 -22.96 -2.26 5.42
CA PHE A 45 -22.15 -1.04 5.43
C PHE A 45 -23.04 0.19 5.48
N LEU A 46 -22.70 1.13 6.35
CA LEU A 46 -23.53 2.31 6.56
C LEU A 46 -23.44 3.27 5.38
N THR A 47 -24.55 3.96 5.13
CA THR A 47 -24.64 4.96 4.06
C THR A 47 -25.83 5.86 4.37
N ARG A 48 -26.27 6.62 3.36
CA ARG A 48 -27.41 7.53 3.51
C ARG A 48 -28.15 7.60 2.19
N LEU A 49 -29.43 7.96 2.27
CA LEU A 49 -30.26 8.04 1.08
C LEU A 49 -29.88 9.25 0.24
N ARG A 50 -29.68 9.04 -1.05
CA ARG A 50 -29.23 10.10 -1.94
C ARG A 50 -30.30 11.20 -2.06
N SER A 51 -29.87 12.45 -1.94
CA SER A 51 -30.78 13.60 -2.02
C SER A 51 -30.68 14.31 -3.37
N LEU A 52 -29.53 14.90 -3.67
CA LEU A 52 -29.37 15.71 -4.86
C LEU A 52 -29.14 14.84 -6.09
N PRO A 53 -29.45 15.34 -7.29
CA PRO A 53 -29.24 14.55 -8.51
C PRO A 53 -27.78 14.33 -8.82
N SER A 54 -27.51 13.61 -9.92
CA SER A 54 -26.14 13.30 -10.32
C SER A 54 -25.29 14.55 -10.51
N ASN A 55 -24.28 14.72 -9.67
CA ASN A 55 -23.36 15.85 -9.77
C ASN A 55 -22.40 15.75 -10.94
N HIS A 56 -22.52 14.71 -11.77
CA HIS A 56 -21.64 14.49 -12.91
C HIS A 56 -20.18 14.38 -12.45
N LEU A 57 -19.95 13.46 -11.52
CA LEU A 57 -18.61 13.25 -11.00
C LEU A 57 -17.72 12.63 -12.08
N PRO A 58 -16.44 12.97 -12.10
CA PRO A 58 -15.54 12.42 -13.12
C PRO A 58 -15.30 10.93 -12.90
N GLN A 59 -14.98 10.24 -13.99
CA GLN A 59 -14.64 8.83 -13.91
C GLN A 59 -13.44 8.64 -12.98
N PRO A 60 -13.53 7.77 -11.99
CA PRO A 60 -12.40 7.59 -11.06
C PRO A 60 -11.16 7.08 -11.80
N THR A 61 -10.00 7.64 -11.43
CA THR A 61 -8.75 7.24 -12.06
C THR A 61 -8.48 5.76 -11.86
N LEU A 62 -8.79 5.23 -10.67
CA LEU A 62 -8.61 3.81 -10.37
C LEU A 62 -9.92 3.10 -10.71
N ASN A 63 -10.06 2.76 -12.00
CA ASN A 63 -11.31 2.27 -12.56
C ASN A 63 -11.27 0.79 -12.93
N CYS A 64 -10.51 -0.01 -12.17
CA CYS A 64 -10.43 -1.43 -12.48
C CYS A 64 -11.75 -2.14 -12.23
N LEU A 65 -12.44 -1.78 -11.14
CA LEU A 65 -13.72 -2.41 -10.84
C LEU A 65 -14.75 -2.12 -11.91
N LEU A 66 -14.78 -0.88 -12.41
CA LEU A 66 -15.73 -0.53 -13.45
C LEU A 66 -15.46 -1.30 -14.74
N SER A 67 -14.18 -1.47 -15.10
CA SER A 67 -13.85 -2.26 -16.28
C SER A 67 -14.23 -3.71 -16.09
N ALA A 68 -14.00 -4.26 -14.89
CA ALA A 68 -14.36 -5.65 -14.63
C ALA A 68 -15.87 -5.86 -14.72
N VAL A 69 -16.65 -4.90 -14.22
CA VAL A 69 -18.10 -5.01 -14.32
C VAL A 69 -18.56 -4.83 -15.76
N SER A 70 -17.91 -3.94 -16.51
CA SER A 70 -18.31 -3.68 -17.89
C SER A 70 -18.04 -4.89 -18.78
N ASP A 71 -16.91 -5.56 -18.57
CA ASP A 71 -16.59 -6.73 -19.38
C ASP A 71 -17.61 -7.85 -19.21
N GLN A 72 -18.33 -7.86 -18.10
CA GLN A 72 -19.32 -8.90 -17.81
C GLN A 72 -20.74 -8.51 -18.16
N THR A 73 -21.15 -7.29 -17.83
CA THR A 73 -22.52 -6.85 -18.02
C THR A 73 -22.73 -6.08 -19.32
N LYS A 74 -21.66 -5.82 -20.07
CA LYS A 74 -21.71 -5.09 -21.34
C LYS A 74 -22.20 -3.66 -21.18
N VAL A 75 -22.40 -3.23 -19.93
CA VAL A 75 -22.81 -1.85 -19.66
C VAL A 75 -21.57 -0.97 -19.62
N SER A 76 -21.65 0.18 -20.29
CA SER A 76 -20.53 1.11 -20.28
C SER A 76 -20.27 1.60 -18.86
N GLU A 77 -18.99 1.89 -18.58
CA GLU A 77 -18.61 2.37 -17.26
C GLU A 77 -19.30 3.69 -16.92
N GLU A 78 -19.64 4.49 -17.93
CA GLU A 78 -20.31 5.76 -17.69
C GLU A 78 -21.67 5.54 -17.04
N HIS A 79 -22.46 4.61 -17.58
CA HIS A 79 -23.79 4.36 -17.03
C HIS A 79 -23.71 3.78 -15.62
N LEU A 80 -22.74 2.88 -15.38
CA LEU A 80 -22.56 2.35 -14.04
C LEU A 80 -22.18 3.44 -13.05
N TRP A 81 -21.29 4.36 -13.46
CA TRP A 81 -20.90 5.45 -12.58
C TRP A 81 -22.07 6.39 -12.33
N GLU A 82 -22.90 6.66 -13.34
CA GLU A 82 -24.07 7.50 -13.13
C GLU A 82 -25.07 6.84 -12.20
N SER A 83 -25.25 5.53 -12.32
CA SER A 83 -26.14 4.81 -11.40
C SER A 83 -25.60 4.85 -9.98
N LEU A 84 -24.28 4.72 -9.83
CA LEU A 84 -23.68 4.85 -8.50
C LEU A 84 -23.89 6.25 -7.95
N GLN A 85 -23.84 7.26 -8.80
CA GLN A 85 -24.13 8.63 -8.34
C GLN A 85 -25.59 8.79 -7.95
N THR A 86 -26.48 8.04 -8.60
CA THR A 86 -27.89 8.10 -8.24
C THR A 86 -28.22 7.32 -6.97
N ILE A 87 -27.41 6.32 -6.62
CA ILE A 87 -27.72 5.47 -5.48
C ILE A 87 -26.94 5.88 -4.24
N LEU A 88 -25.72 6.39 -4.44
CA LEU A 88 -24.83 6.66 -3.31
C LEU A 88 -24.49 8.14 -3.21
N PRO A 89 -24.18 8.63 -2.02
CA PRO A 89 -23.73 10.03 -1.89
C PRO A 89 -22.31 10.20 -2.42
N ASP A 90 -22.01 11.44 -2.80
CA ASP A 90 -20.72 11.74 -3.43
C ASP A 90 -19.56 11.45 -2.49
N SER A 91 -19.74 11.66 -1.18
CA SER A 91 -18.66 11.46 -0.23
C SER A 91 -18.24 10.00 -0.09
N GLN A 92 -19.00 9.07 -0.67
CA GLN A 92 -18.64 7.65 -0.67
C GLN A 92 -18.31 7.14 -2.07
N LEU A 93 -18.28 8.01 -3.07
CA LEU A 93 -17.96 7.64 -4.44
C LEU A 93 -16.61 8.18 -4.92
N SER A 94 -16.22 9.37 -4.46
CA SER A 94 -14.95 9.97 -4.85
C SER A 94 -14.39 10.68 -3.62
N ASN A 95 -13.45 10.04 -2.95
CA ASN A 95 -12.82 10.62 -1.76
C ASN A 95 -11.34 10.25 -1.79
N GLU A 96 -10.67 10.40 -0.63
CA GLU A 96 -9.26 10.09 -0.56
C GLU A 96 -8.99 8.61 -0.78
N GLU A 97 -9.95 7.75 -0.40
CA GLU A 97 -9.80 6.32 -0.65
C GLU A 97 -9.93 6.00 -2.14
N THR A 98 -10.82 6.71 -2.83
CA THR A 98 -11.07 6.43 -4.25
C THR A 98 -9.83 6.70 -5.10
N ASN A 99 -9.10 7.78 -4.79
CA ASN A 99 -7.97 8.19 -5.61
C ASN A 99 -6.64 7.57 -5.18
N THR A 100 -6.61 6.84 -4.06
CA THR A 100 -5.39 6.20 -3.59
C THR A 100 -5.50 4.68 -3.64
N LEU A 101 -6.46 4.09 -2.94
CA LEU A 101 -6.64 2.65 -2.96
C LEU A 101 -7.59 2.20 -4.05
N GLY A 102 -8.66 2.94 -4.28
CA GLY A 102 -9.59 2.62 -5.35
C GLY A 102 -10.99 2.31 -4.88
N LEU A 103 -11.79 1.70 -5.76
CA LEU A 103 -13.17 1.38 -5.44
C LEU A 103 -13.23 0.17 -4.51
N SER A 104 -14.32 0.10 -3.76
CA SER A 104 -14.56 -0.98 -2.81
C SER A 104 -15.62 -1.93 -3.34
N THR A 105 -15.74 -3.08 -2.68
CA THR A 105 -16.80 -4.04 -3.02
C THR A 105 -18.18 -3.57 -2.61
N GLU A 106 -18.27 -2.53 -1.78
CA GLU A 106 -19.56 -1.94 -1.46
C GLU A 106 -20.19 -1.31 -2.69
N HIS A 107 -19.38 -0.64 -3.52
CA HIS A 107 -19.86 -0.17 -4.81
C HIS A 107 -20.31 -1.34 -5.68
N LEU A 108 -19.63 -2.48 -5.58
CA LEU A 108 -20.04 -3.66 -6.32
C LEU A 108 -21.40 -4.15 -5.85
N THR A 109 -21.66 -4.11 -4.55
CA THR A 109 -22.97 -4.50 -4.03
C THR A 109 -24.05 -3.53 -4.48
N ALA A 110 -23.74 -2.23 -4.48
CA ALA A 110 -24.72 -1.25 -4.97
C ALA A 110 -25.03 -1.47 -6.44
N LEU A 111 -24.01 -1.73 -7.25
CA LEU A 111 -24.25 -2.01 -8.67
C LEU A 111 -24.99 -3.31 -8.87
N ALA A 112 -24.75 -4.32 -8.02
CA ALA A 112 -25.48 -5.57 -8.11
C ALA A 112 -26.95 -5.38 -7.76
N HIS A 113 -27.24 -4.48 -6.81
CA HIS A 113 -28.63 -4.16 -6.51
C HIS A 113 -29.28 -3.39 -7.66
N LEU A 114 -28.55 -2.44 -8.24
CA LEU A 114 -29.13 -1.60 -9.28
C LEU A 114 -29.37 -2.38 -10.58
N TYR A 115 -28.45 -3.27 -10.93
CA TYR A 115 -28.51 -3.98 -12.20
C TYR A 115 -28.92 -5.44 -12.05
N ASN A 116 -29.25 -5.89 -10.84
CA ASN A 116 -29.79 -7.22 -10.60
C ASN A 116 -28.81 -8.32 -11.02
N PHE A 117 -27.78 -8.56 -10.23
CA PHE A 117 -26.88 -9.68 -10.46
C PHE A 117 -26.18 -10.03 -9.14
N GLN A 118 -25.54 -11.19 -9.14
CA GLN A 118 -24.78 -11.66 -7.98
C GLN A 118 -23.34 -11.88 -8.44
N ALA A 119 -22.47 -10.92 -8.16
CA ALA A 119 -21.08 -11.01 -8.57
C ALA A 119 -20.33 -12.04 -7.72
N THR A 120 -19.48 -12.82 -8.38
CA THR A 120 -18.63 -13.81 -7.72
C THR A 120 -17.19 -13.32 -7.79
N VAL A 121 -16.67 -12.90 -6.65
CA VAL A 121 -15.32 -12.35 -6.56
C VAL A 121 -14.37 -13.48 -6.20
N TYR A 122 -13.40 -13.74 -7.09
CA TYR A 122 -12.40 -14.78 -6.88
C TYR A 122 -11.12 -14.14 -6.37
N SER A 123 -11.09 -13.87 -5.07
CA SER A 123 -9.96 -13.19 -4.44
C SER A 123 -8.82 -14.19 -4.19
N ASP A 124 -7.76 -13.69 -3.57
CA ASP A 124 -6.64 -14.56 -3.21
C ASP A 124 -6.97 -15.44 -2.02
N ARG A 125 -8.02 -15.12 -1.27
CA ARG A 125 -8.42 -15.90 -0.11
C ARG A 125 -9.61 -16.82 -0.39
N GLY A 126 -10.11 -16.86 -1.62
CA GLY A 126 -11.20 -17.73 -1.96
C GLY A 126 -12.33 -17.00 -2.66
N PRO A 127 -13.38 -17.75 -3.01
CA PRO A 127 -14.53 -17.14 -3.71
C PRO A 127 -15.56 -16.57 -2.75
N ILE A 128 -16.01 -15.34 -3.02
CA ILE A 128 -17.03 -14.68 -2.23
C ILE A 128 -18.15 -14.24 -3.17
N LEU A 129 -19.33 -14.02 -2.60
CA LEU A 129 -20.49 -13.58 -3.36
C LEU A 129 -20.95 -12.22 -2.86
N PHE A 130 -21.32 -11.35 -3.79
CA PHE A 130 -21.83 -10.02 -3.46
C PHE A 130 -23.02 -9.71 -4.37
N GLY A 131 -24.16 -9.40 -3.76
CA GLY A 131 -25.31 -8.99 -4.54
C GLY A 131 -26.52 -9.90 -4.35
N PRO A 132 -27.70 -9.38 -4.69
CA PRO A 132 -28.94 -10.11 -4.40
C PRO A 132 -29.00 -11.46 -5.07
N SER A 133 -29.44 -12.46 -4.32
CA SER A 133 -29.61 -13.81 -4.87
C SER A 133 -30.90 -13.94 -5.66
N ASP A 134 -31.87 -13.06 -5.45
CA ASP A 134 -33.11 -13.09 -6.21
C ASP A 134 -32.92 -12.44 -7.58
N THR A 135 -31.90 -12.89 -8.31
CA THR A 135 -31.58 -12.31 -9.61
C THR A 135 -31.40 -13.41 -10.65
N ILE A 136 -30.81 -13.09 -11.79
CA ILE A 136 -30.57 -14.08 -12.84
C ILE A 136 -29.13 -13.96 -13.30
N LYS A 137 -28.68 -12.73 -13.56
CA LYS A 137 -27.33 -12.50 -14.04
C LYS A 137 -26.32 -12.89 -12.97
N ARG A 138 -25.21 -13.49 -13.41
CA ARG A 138 -24.14 -13.93 -12.52
C ARG A 138 -22.80 -13.58 -13.18
N ILE A 139 -22.13 -12.56 -12.67
CA ILE A 139 -20.85 -12.13 -13.21
C ILE A 139 -19.74 -12.65 -12.30
N ASP A 140 -18.52 -12.71 -12.85
CA ASP A 140 -17.37 -13.25 -12.14
C ASP A 140 -16.24 -12.22 -12.17
N ILE A 141 -15.66 -11.96 -11.00
CA ILE A 141 -14.59 -10.97 -10.86
C ILE A 141 -13.41 -11.63 -10.18
N THR A 142 -12.21 -11.31 -10.66
CA THR A 142 -10.96 -11.77 -10.07
C THR A 142 -10.32 -10.65 -9.27
N HIS A 143 -10.01 -10.93 -8.01
CA HIS A 143 -9.47 -9.96 -7.06
C HIS A 143 -8.04 -10.33 -6.72
N THR A 144 -7.14 -9.35 -6.79
CA THR A 144 -5.73 -9.56 -6.53
C THR A 144 -5.32 -8.77 -5.29
N THR A 145 -4.60 -9.42 -4.37
CA THR A 145 -4.09 -8.73 -3.20
C THR A 145 -3.00 -7.73 -3.58
N GLY A 146 -2.26 -8.01 -4.65
CA GLY A 146 -1.33 -7.06 -5.22
C GLY A 146 0.02 -6.99 -4.56
N PRO A 147 0.33 -5.86 -3.90
CA PRO A 147 -0.59 -4.73 -3.64
C PRO A 147 -0.83 -3.81 -4.84
N PRO A 148 -2.00 -3.16 -4.88
CA PRO A 148 -3.10 -3.44 -3.97
C PRO A 148 -4.07 -4.39 -4.64
N SER A 149 -5.33 -4.37 -4.20
CA SER A 149 -6.35 -5.17 -4.86
C SER A 149 -6.52 -4.73 -6.31
N HIS A 150 -6.39 -5.67 -7.23
CA HIS A 150 -6.64 -5.43 -8.65
C HIS A 150 -7.89 -6.19 -9.05
N PHE A 151 -8.78 -5.53 -9.78
CA PHE A 151 -10.02 -6.12 -10.24
C PHE A 151 -9.91 -6.44 -11.73
N SER A 152 -10.25 -7.68 -12.08
CA SER A 152 -10.28 -8.10 -13.47
C SER A 152 -11.53 -8.93 -13.69
N PRO A 153 -11.93 -9.13 -14.94
CA PRO A 153 -13.07 -10.01 -15.20
C PRO A 153 -12.69 -11.48 -15.13
N GLY A 154 -13.71 -12.33 -15.03
CA GLY A 154 -13.51 -13.76 -15.04
C GLY A 154 -12.94 -14.31 -13.74
N LYS A 155 -12.41 -15.53 -13.85
CA LYS A 155 -11.83 -16.25 -12.72
C LYS A 155 -10.44 -16.74 -13.09
N ARG A 156 -9.74 -17.30 -12.10
CA ARG A 156 -8.39 -17.81 -12.30
C ARG A 156 -8.24 -19.14 -11.57
N LEU A 157 -7.12 -19.80 -11.84
CA LEU A 157 -6.81 -21.08 -11.20
C LEU A 157 -5.39 -21.08 -10.65
N MET B 11 -12.85 -15.23 28.47
CA MET B 11 -13.95 -15.81 27.73
C MET B 11 -13.50 -16.28 26.35
N GLN B 12 -14.43 -16.87 25.59
CA GLN B 12 -14.10 -17.40 24.28
C GLN B 12 -15.30 -17.20 23.36
N ILE B 13 -15.05 -16.68 22.15
CA ILE B 13 -16.09 -16.40 21.18
C ILE B 13 -15.73 -17.09 19.86
N PHE B 14 -16.63 -16.96 18.90
CA PHE B 14 -16.47 -17.55 17.58
C PHE B 14 -16.69 -16.49 16.51
N VAL B 15 -16.05 -16.68 15.36
CA VAL B 15 -16.13 -15.73 14.25
C VAL B 15 -16.42 -16.49 12.96
N LYS B 16 -17.56 -16.21 12.35
CA LYS B 16 -17.94 -16.84 11.09
C LYS B 16 -17.48 -15.95 9.94
N THR B 17 -16.62 -16.48 9.09
CA THR B 17 -16.00 -15.71 8.02
C THR B 17 -16.84 -15.75 6.75
N LEU B 18 -16.41 -14.97 5.75
CA LEU B 18 -17.06 -14.96 4.44
C LEU B 18 -16.75 -16.19 3.62
N THR B 19 -15.86 -17.08 4.09
CA THR B 19 -15.55 -18.32 3.41
C THR B 19 -16.11 -19.54 4.14
N GLY B 20 -17.06 -19.32 5.05
CA GLY B 20 -17.70 -20.40 5.78
C GLY B 20 -16.95 -20.89 6.99
N LYS B 21 -15.64 -20.64 7.08
CA LYS B 21 -14.85 -21.13 8.20
C LYS B 21 -15.22 -20.39 9.48
N THR B 22 -15.52 -21.15 10.54
CA THR B 22 -15.85 -20.60 11.84
C THR B 22 -14.63 -20.73 12.74
N ILE B 23 -13.94 -19.63 12.97
CA ILE B 23 -12.76 -19.61 13.83
C ILE B 23 -13.18 -19.51 15.29
N THR B 24 -12.38 -20.11 16.17
CA THR B 24 -12.57 -20.04 17.61
C THR B 24 -11.50 -19.12 18.18
N LEU B 25 -11.92 -18.03 18.80
CA LEU B 25 -10.99 -17.03 19.32
C LEU B 25 -11.19 -16.84 20.81
N GLU B 26 -10.11 -16.51 21.51
CA GLU B 26 -10.13 -16.24 22.94
C GLU B 26 -9.72 -14.80 23.17
N VAL B 27 -10.62 -14.00 23.75
CA VAL B 27 -10.41 -12.58 23.97
C VAL B 27 -10.93 -12.21 25.36
N GLU B 28 -10.57 -10.99 25.80
CA GLU B 28 -11.02 -10.42 27.06
C GLU B 28 -12.35 -9.71 26.88
N PRO B 29 -13.15 -9.63 27.94
CA PRO B 29 -14.42 -8.86 27.84
C PRO B 29 -14.20 -7.39 27.55
N SER B 30 -13.06 -6.83 27.96
CA SER B 30 -12.73 -5.43 27.71
C SER B 30 -11.82 -5.25 26.50
N ASP B 31 -11.76 -6.24 25.62
CA ASP B 31 -10.88 -6.18 24.47
C ASP B 31 -11.47 -5.27 23.39
N THR B 32 -10.62 -4.47 22.77
CA THR B 32 -11.06 -3.54 21.74
C THR B 32 -11.23 -4.26 20.40
N ILE B 33 -12.12 -3.71 19.57
CA ILE B 33 -12.39 -4.30 18.27
C ILE B 33 -11.14 -4.30 17.39
N GLU B 34 -10.27 -3.30 17.56
CA GLU B 34 -9.03 -3.28 16.80
C GLU B 34 -8.15 -4.48 17.13
N ASN B 35 -8.01 -4.79 18.43
CA ASN B 35 -7.21 -5.96 18.81
C ASN B 35 -7.90 -7.25 18.40
N VAL B 36 -9.23 -7.27 18.36
CA VAL B 36 -9.93 -8.44 17.85
C VAL B 36 -9.62 -8.66 16.38
N LYS B 37 -9.61 -7.58 15.59
CA LYS B 37 -9.23 -7.69 14.19
C LYS B 37 -7.77 -8.08 14.04
N ALA B 38 -6.91 -7.65 14.96
CA ALA B 38 -5.51 -8.08 14.94
C ALA B 38 -5.40 -9.58 15.19
N LYS B 39 -6.17 -10.10 16.15
CA LYS B 39 -6.16 -11.54 16.40
C LYS B 39 -6.75 -12.32 15.23
N ILE B 40 -7.73 -11.75 14.55
CA ILE B 40 -8.25 -12.38 13.34
C ILE B 40 -7.18 -12.40 12.25
N GLN B 41 -6.42 -11.31 12.13
CA GLN B 41 -5.29 -11.28 11.21
C GLN B 41 -4.26 -12.34 11.57
N ASP B 42 -4.06 -12.59 12.86
CA ASP B 42 -3.15 -13.65 13.29
C ASP B 42 -3.68 -15.02 12.88
N LYS B 43 -4.96 -15.28 13.15
CA LYS B 43 -5.53 -16.60 12.87
C LYS B 43 -5.58 -16.88 11.38
N GLU B 44 -6.02 -15.92 10.57
CA GLU B 44 -6.18 -16.11 9.14
C GLU B 44 -5.06 -15.45 8.34
N GLY B 45 -4.97 -14.13 8.42
CA GLY B 45 -4.00 -13.38 7.64
C GLY B 45 -4.65 -12.21 6.94
N ILE B 46 -5.88 -11.90 7.32
CA ILE B 46 -6.65 -10.82 6.70
C ILE B 46 -6.27 -9.52 7.42
N PRO B 47 -5.74 -8.53 6.70
CA PRO B 47 -5.38 -7.27 7.36
C PRO B 47 -6.63 -6.56 7.85
N PRO B 48 -6.51 -5.75 8.91
CA PRO B 48 -7.66 -4.95 9.35
C PRO B 48 -8.16 -3.97 8.29
N ASP B 49 -7.45 -3.81 7.18
CA ASP B 49 -7.94 -2.98 6.09
C ASP B 49 -9.19 -3.57 5.45
N GLN B 50 -9.30 -4.90 5.42
CA GLN B 50 -10.41 -5.58 4.77
C GLN B 50 -11.32 -6.30 5.77
N GLN B 51 -11.34 -5.86 7.02
CA GLN B 51 -12.14 -6.50 8.06
C GLN B 51 -13.27 -5.60 8.49
N ARG B 52 -14.49 -6.14 8.52
CA ARG B 52 -15.64 -5.45 9.10
C ARG B 52 -16.43 -6.47 9.90
N LEU B 53 -16.52 -6.28 11.21
CA LEU B 53 -17.18 -7.23 12.08
C LEU B 53 -18.60 -6.80 12.36
N ILE B 54 -19.51 -7.78 12.42
CA ILE B 54 -20.93 -7.54 12.60
C ILE B 54 -21.43 -8.42 13.73
N PHE B 55 -22.25 -7.85 14.62
CA PHE B 55 -22.89 -8.57 15.71
C PHE B 55 -24.40 -8.32 15.59
N ALA B 56 -25.09 -9.26 14.95
CA ALA B 56 -26.53 -9.19 14.74
C ALA B 56 -26.92 -7.95 13.92
N GLY B 57 -26.41 -7.90 12.70
CA GLY B 57 -26.81 -6.88 11.74
C GLY B 57 -26.08 -5.55 11.85
N LYS B 58 -25.57 -5.22 13.03
CA LYS B 58 -24.94 -3.93 13.26
C LYS B 58 -23.42 -4.05 13.05
N GLN B 59 -22.90 -3.26 12.12
CA GLN B 59 -21.46 -3.26 11.85
C GLN B 59 -20.72 -2.58 12.99
N LEU B 60 -19.86 -3.33 13.67
CA LEU B 60 -19.18 -2.82 14.85
C LEU B 60 -18.17 -1.73 14.48
N GLU B 61 -17.91 -0.85 15.43
CA GLU B 61 -16.94 0.22 15.28
C GLU B 61 -15.61 -0.21 15.89
N ASP B 62 -14.50 0.19 15.25
CA ASP B 62 -13.18 -0.22 15.72
C ASP B 62 -12.88 0.37 17.10
N GLY B 63 -13.27 1.62 17.33
CA GLY B 63 -12.96 2.28 18.58
C GLY B 63 -13.89 1.95 19.73
N ARG B 64 -14.28 0.67 19.84
CA ARG B 64 -15.16 0.21 20.90
C ARG B 64 -14.70 -1.16 21.36
N THR B 65 -15.31 -1.63 22.45
CA THR B 65 -14.99 -2.92 23.04
C THR B 65 -16.17 -3.87 22.93
N LEU B 66 -15.90 -5.14 23.25
CA LEU B 66 -16.94 -6.17 23.17
C LEU B 66 -18.02 -5.94 24.21
N SER B 67 -17.65 -5.44 25.40
CA SER B 67 -18.64 -5.24 26.46
C SER B 67 -19.64 -4.17 26.09
N ASP B 68 -19.26 -3.21 25.23
CA ASP B 68 -20.18 -2.15 24.84
C ASP B 68 -21.35 -2.68 24.03
N TYR B 69 -21.12 -3.71 23.22
CA TYR B 69 -22.18 -4.32 22.42
C TYR B 69 -22.84 -5.49 23.13
N ASN B 70 -22.51 -5.72 24.41
CA ASN B 70 -23.11 -6.79 25.21
C ASN B 70 -22.90 -8.15 24.55
N ILE B 71 -21.65 -8.45 24.23
CA ILE B 71 -21.27 -9.72 23.61
C ILE B 71 -20.76 -10.64 24.71
N GLN B 72 -21.52 -11.69 25.01
CA GLN B 72 -21.10 -12.65 26.01
C GLN B 72 -20.14 -13.66 25.40
N LYS B 73 -19.69 -14.62 26.21
CA LYS B 73 -18.86 -15.69 25.69
C LYS B 73 -19.68 -16.63 24.81
N GLU B 74 -18.99 -17.23 23.83
CA GLU B 74 -19.58 -18.14 22.85
C GLU B 74 -20.55 -17.45 21.91
N SER B 75 -20.51 -16.12 21.84
CA SER B 75 -21.37 -15.36 20.94
C SER B 75 -20.64 -15.18 19.60
N THR B 76 -21.26 -15.62 18.53
CA THR B 76 -20.63 -15.60 17.21
C THR B 76 -20.70 -14.21 16.59
N LEU B 77 -19.60 -13.80 15.96
CA LEU B 77 -19.51 -12.53 15.23
C LEU B 77 -19.26 -12.83 13.77
N HIS B 78 -19.98 -12.14 12.89
CA HIS B 78 -19.79 -12.33 11.45
C HIS B 78 -18.68 -11.41 10.95
N LEU B 79 -17.92 -11.89 9.97
CA LEU B 79 -16.84 -11.15 9.36
C LEU B 79 -17.16 -10.91 7.90
N VAL B 80 -17.06 -9.65 7.47
CA VAL B 80 -17.29 -9.27 6.08
C VAL B 80 -16.02 -8.58 5.57
N LEU B 81 -15.61 -8.96 4.36
CA LEU B 81 -14.40 -8.41 3.77
C LEU B 81 -14.75 -7.16 2.97
N ARG B 82 -14.04 -6.07 3.25
CA ARG B 82 -14.21 -4.81 2.53
C ARG B 82 -13.05 -4.65 1.56
N LEU B 83 -13.11 -5.44 0.50
CA LEU B 83 -12.00 -5.49 -0.46
C LEU B 83 -11.97 -4.20 -1.26
N ARG B 84 -10.86 -3.48 -1.18
CA ARG B 84 -10.69 -2.22 -1.90
C ARG B 84 -10.17 -2.55 -3.30
N GLY B 85 -9.55 -1.60 -3.97
CA GLY B 85 -8.92 -1.87 -5.25
C GLY B 85 -9.20 -0.88 -6.37
N LEU C 13 12.63 1.45 15.02
CA LEU C 13 13.91 1.97 15.50
C LEU C 13 15.02 0.90 15.56
N PRO C 14 14.74 -0.29 16.12
CA PRO C 14 15.76 -1.34 16.09
C PRO C 14 16.05 -1.80 14.66
N ALA C 15 17.28 -2.28 14.45
CA ALA C 15 17.72 -2.68 13.13
C ALA C 15 18.12 -4.15 13.12
N PRO C 16 17.73 -4.91 12.11
CA PRO C 16 18.12 -6.32 12.04
C PRO C 16 19.57 -6.51 11.63
N LEU C 17 20.07 -5.65 10.72
CA LEU C 17 21.45 -5.76 10.25
C LEU C 17 22.46 -5.31 11.29
N THR C 18 22.02 -4.80 12.44
CA THR C 18 22.96 -4.42 13.49
C THR C 18 23.71 -5.63 14.03
N ASN C 19 22.99 -6.74 14.26
CA ASN C 19 23.58 -7.98 14.73
C ASN C 19 23.53 -9.07 13.67
N ASP C 20 23.46 -8.69 12.39
CA ASP C 20 23.40 -9.67 11.32
C ASP C 20 24.61 -10.60 11.37
N PRO C 21 24.41 -11.92 11.29
CA PRO C 21 25.53 -12.86 11.39
C PRO C 21 26.33 -13.04 10.11
N THR C 22 25.80 -12.58 8.97
CA THR C 22 26.49 -12.71 7.69
C THR C 22 27.32 -11.49 7.34
N ALA C 23 27.56 -10.59 8.29
CA ALA C 23 28.32 -9.38 8.05
C ALA C 23 29.26 -9.11 9.21
N ILE C 24 30.44 -8.58 8.91
CA ILE C 24 31.42 -8.19 9.91
C ILE C 24 31.57 -6.67 9.90
N GLY C 25 32.13 -6.15 10.98
CA GLY C 25 32.36 -4.73 11.11
C GLY C 25 31.14 -4.00 11.63
N PRO C 26 31.27 -2.70 11.87
CA PRO C 26 30.14 -1.92 12.37
C PRO C 26 29.29 -1.34 11.25
N VAL C 27 28.29 -0.55 11.61
CA VAL C 27 27.37 0.03 10.62
C VAL C 27 28.07 1.21 9.95
N LEU C 28 28.26 1.12 8.64
CA LEU C 28 28.89 2.17 7.85
C LEU C 28 28.08 2.39 6.59
N PRO C 29 28.13 3.59 6.02
CA PRO C 29 27.41 3.85 4.77
C PRO C 29 28.02 3.06 3.61
N PHE C 30 27.18 2.82 2.60
CA PHE C 30 27.62 2.05 1.44
C PHE C 30 28.74 2.75 0.68
N GLU C 31 28.75 4.08 0.68
CA GLU C 31 29.78 4.81 -0.04
C GLU C 31 31.14 4.68 0.66
N GLU C 32 31.15 4.49 1.98
CA GLU C 32 32.42 4.31 2.68
C GLU C 32 32.96 2.90 2.48
N LEU C 33 32.09 1.89 2.49
CA LEU C 33 32.56 0.52 2.34
C LEU C 33 32.98 0.24 0.89
N HIS C 34 32.19 0.68 -0.07
CA HIS C 34 32.50 0.52 -1.50
C HIS C 34 32.36 1.87 -2.17
N PRO C 35 33.45 2.64 -2.23
CA PRO C 35 33.37 3.99 -2.82
C PRO C 35 33.46 3.98 -4.33
N ARG C 36 32.69 4.85 -4.96
CA ARG C 36 32.74 5.08 -6.40
C ARG C 36 32.41 6.54 -6.66
N ARG C 37 32.07 6.87 -7.90
CA ARG C 37 31.59 8.21 -8.24
C ARG C 37 30.07 8.20 -8.37
N TYR C 38 29.43 7.79 -7.27
CA TYR C 38 27.98 7.69 -7.23
C TYR C 38 27.35 9.07 -7.36
N PRO C 39 26.08 9.13 -7.79
CA PRO C 39 25.36 10.41 -7.74
C PRO C 39 25.27 10.88 -6.30
N GLU C 40 25.37 12.20 -6.13
CA GLU C 40 25.46 12.82 -4.80
C GLU C 40 24.40 12.28 -3.84
N ASN C 41 24.87 11.64 -2.77
CA ASN C 41 24.11 11.16 -1.63
C ASN C 41 23.26 9.93 -1.93
N THR C 42 23.29 9.40 -3.15
CA THR C 42 22.51 8.20 -3.48
C THR C 42 23.10 6.92 -2.92
N ALA C 43 24.24 6.99 -2.22
CA ALA C 43 24.88 5.82 -1.64
C ALA C 43 25.04 5.92 -0.13
N THR C 44 24.38 6.89 0.51
CA THR C 44 24.52 7.11 1.94
C THR C 44 23.71 6.13 2.78
N PHE C 45 23.07 5.13 2.18
CA PHE C 45 22.29 4.17 2.95
C PHE C 45 23.21 3.25 3.73
N LEU C 46 22.89 3.03 4.99
CA LEU C 46 23.75 2.26 5.88
C LEU C 46 23.70 0.78 5.56
N THR C 47 24.82 0.11 5.78
CA THR C 47 24.94 -1.33 5.56
C THR C 47 26.15 -1.82 6.34
N ARG C 48 26.62 -3.03 6.02
CA ARG C 48 27.78 -3.62 6.68
C ARG C 48 28.53 -4.48 5.68
N LEU C 49 29.82 -4.67 5.95
CA LEU C 49 30.67 -5.45 5.06
C LEU C 49 30.32 -6.94 5.17
N ARG C 50 30.12 -7.58 4.02
CA ARG C 50 29.71 -8.98 3.99
C ARG C 50 30.80 -9.87 4.56
N SER C 51 30.40 -10.79 5.45
CA SER C 51 31.33 -11.73 6.08
C SER C 51 31.26 -13.11 5.47
N LEU C 52 30.12 -13.78 5.60
CA LEU C 52 29.98 -15.17 5.18
C LEU C 52 29.73 -15.25 3.68
N PRO C 53 30.05 -16.39 3.05
CA PRO C 53 29.83 -16.53 1.61
C PRO C 53 28.36 -16.57 1.23
N SER C 54 28.09 -16.71 -0.07
CA SER C 54 26.73 -16.72 -0.58
C SER C 54 25.92 -17.85 0.06
N ASN C 55 24.89 -17.47 0.82
CA ASN C 55 23.98 -18.41 1.46
C ASN C 55 23.05 -19.11 0.48
N HIS C 56 23.15 -18.83 -0.82
CA HIS C 56 22.26 -19.38 -1.84
C HIS C 56 20.80 -19.05 -1.52
N LEU C 57 20.54 -17.76 -1.36
CA LEU C 57 19.19 -17.30 -1.07
C LEU C 57 18.29 -17.50 -2.28
N PRO C 58 17.02 -17.82 -2.06
CA PRO C 58 16.11 -18.03 -3.20
C PRO C 58 15.84 -16.73 -3.94
N GLN C 59 15.51 -16.87 -5.21
CA GLN C 59 15.13 -15.72 -6.02
C GLN C 59 13.93 -15.02 -5.39
N PRO C 60 13.99 -13.71 -5.15
CA PRO C 60 12.86 -13.02 -4.53
C PRO C 60 11.62 -13.09 -5.40
N THR C 61 10.47 -13.32 -4.75
CA THR C 61 9.21 -13.43 -5.48
C THR C 61 8.90 -12.16 -6.24
N LEU C 62 9.19 -11.00 -5.65
CA LEU C 62 8.97 -9.71 -6.30
C LEU C 62 10.26 -9.32 -7.02
N ASN C 63 10.41 -9.86 -8.24
CA ASN C 63 11.65 -9.80 -8.99
C ASN C 63 11.59 -8.86 -10.19
N CYS C 64 10.80 -7.79 -10.10
CA CYS C 64 10.70 -6.87 -11.23
C CYS C 64 12.01 -6.13 -11.49
N LEU C 65 12.70 -5.72 -10.41
CA LEU C 65 13.96 -5.01 -10.57
C LEU C 65 15.01 -5.89 -11.25
N LEU C 66 15.06 -7.17 -10.87
CA LEU C 66 16.02 -8.09 -11.48
C LEU C 66 15.74 -8.28 -12.97
N SER C 67 14.46 -8.40 -13.34
CA SER C 67 14.11 -8.52 -14.74
C SER C 67 14.45 -7.26 -15.51
N ALA C 68 14.21 -6.09 -14.91
CA ALA C 68 14.53 -4.83 -15.57
C ALA C 68 16.03 -4.70 -15.79
N VAL C 69 16.84 -5.12 -14.81
CA VAL C 69 18.29 -5.05 -14.96
C VAL C 69 18.76 -6.08 -16.00
N SER C 70 18.13 -7.26 -16.02
CA SER C 70 18.54 -8.31 -16.95
C SER C 70 18.25 -7.93 -18.39
N ASP C 71 17.09 -7.29 -18.64
CA ASP C 71 16.75 -6.88 -19.99
C ASP C 71 17.74 -5.88 -20.57
N GLN C 72 18.45 -5.15 -19.71
CA GLN C 72 19.40 -4.12 -20.14
C GLN C 72 20.84 -4.62 -20.18
N THR C 73 21.29 -5.36 -19.16
CA THR C 73 22.66 -5.80 -19.06
C THR C 73 22.90 -7.20 -19.60
N LYS C 74 21.84 -7.90 -20.01
CA LYS C 74 21.92 -9.25 -20.57
C LYS C 74 22.44 -10.26 -19.55
N VAL C 75 22.66 -9.82 -18.31
CA VAL C 75 23.09 -10.71 -17.25
C VAL C 75 21.87 -11.41 -16.65
N SER C 76 21.97 -12.72 -16.47
CA SER C 76 20.87 -13.47 -15.87
C SER C 76 20.61 -12.99 -14.45
N GLU C 77 19.33 -13.07 -14.04
CA GLU C 77 18.96 -12.64 -12.70
C GLU C 77 19.68 -13.45 -11.62
N GLU C 78 20.05 -14.70 -11.93
CA GLU C 78 20.75 -15.53 -10.96
C GLU C 78 22.10 -14.93 -10.60
N HIS C 79 22.87 -14.51 -11.60
CA HIS C 79 24.19 -13.94 -11.34
C HIS C 79 24.08 -12.61 -10.61
N LEU C 80 23.10 -11.78 -10.95
CA LEU C 80 22.89 -10.53 -10.23
C LEU C 80 22.54 -10.79 -8.78
N TRP C 81 21.67 -11.78 -8.52
CA TRP C 81 21.29 -12.11 -7.15
C TRP C 81 22.48 -12.66 -6.37
N GLU C 82 23.33 -13.47 -7.01
CA GLU C 82 24.51 -13.98 -6.33
C GLU C 82 25.51 -12.87 -6.03
N SER C 83 25.65 -11.91 -6.94
CA SER C 83 26.53 -10.77 -6.67
C SER C 83 25.98 -9.91 -5.54
N LEU C 84 24.66 -9.74 -5.48
CA LEU C 84 24.04 -9.04 -4.36
C LEU C 84 24.29 -9.79 -3.05
N GLN C 85 24.26 -11.11 -3.09
CA GLN C 85 24.59 -11.90 -1.89
C GLN C 85 26.04 -11.73 -1.50
N THR C 86 26.94 -11.54 -2.48
CA THR C 86 28.34 -11.33 -2.17
C THR C 86 28.64 -9.92 -1.67
N ILE C 87 27.80 -8.94 -2.01
CA ILE C 87 28.09 -7.55 -1.65
C ILE C 87 27.31 -7.13 -0.41
N LEU C 88 26.10 -7.68 -0.23
CA LEU C 88 25.23 -7.21 0.83
C LEU C 88 24.92 -8.33 1.83
N PRO C 89 24.62 -7.98 3.07
CA PRO C 89 24.21 -9.00 4.05
C PRO C 89 22.79 -9.49 3.75
N ASP C 90 22.52 -10.71 4.24
CA ASP C 90 21.24 -11.36 3.94
C ASP C 90 20.07 -10.57 4.50
N SER C 91 20.25 -9.93 5.67
CA SER C 91 19.15 -9.20 6.30
C SER C 91 18.70 -7.99 5.50
N GLN C 92 19.43 -7.60 4.45
CA GLN C 92 19.05 -6.50 3.58
C GLN C 92 18.71 -6.96 2.17
N LEU C 93 18.70 -8.28 1.93
CA LEU C 93 18.38 -8.84 0.63
C LEU C 93 17.05 -9.59 0.60
N SER C 94 16.68 -10.26 1.69
CA SER C 94 15.43 -10.99 1.78
C SER C 94 14.88 -10.81 3.19
N ASN C 95 13.92 -9.92 3.35
CA ASN C 95 13.32 -9.65 4.65
C ASN C 95 11.83 -9.41 4.41
N GLU C 96 11.16 -8.83 5.41
CA GLU C 96 9.73 -8.56 5.30
C GLU C 96 9.43 -7.54 4.21
N GLU C 97 10.35 -6.61 3.97
CA GLU C 97 10.19 -5.65 2.87
C GLU C 97 10.31 -6.33 1.51
N THR C 98 11.22 -7.29 1.39
CA THR C 98 11.46 -7.94 0.11
C THR C 98 10.24 -8.70 -0.38
N ASN C 99 9.53 -9.37 0.52
CA ASN C 99 8.41 -10.22 0.15
C ASN C 99 7.08 -9.50 0.11
N THR C 100 7.01 -8.24 0.55
CA THR C 100 5.78 -7.47 0.54
C THR C 100 5.83 -6.31 -0.44
N LEU C 101 6.78 -5.39 -0.27
CA LEU C 101 6.91 -4.26 -1.18
C LEU C 101 7.86 -4.56 -2.34
N GLY C 102 8.97 -5.25 -2.06
CA GLY C 102 9.89 -5.65 -3.11
C GLY C 102 11.29 -5.09 -2.95
N LEU C 103 12.07 -5.15 -4.02
CA LEU C 103 13.45 -4.66 -3.98
C LEU C 103 13.49 -3.13 -3.99
N SER C 104 14.57 -2.59 -3.45
CA SER C 104 14.78 -1.16 -3.38
C SER C 104 15.82 -0.72 -4.39
N THR C 105 15.91 0.60 -4.60
CA THR C 105 16.93 1.16 -5.47
C THR C 105 18.32 1.08 -4.86
N GLU C 106 18.43 0.77 -3.57
CA GLU C 106 19.75 0.55 -2.97
C GLU C 106 20.40 -0.70 -3.57
N HIS C 107 19.61 -1.76 -3.79
CA HIS C 107 20.11 -2.92 -4.51
C HIS C 107 20.53 -2.53 -5.93
N LEU C 108 19.81 -1.59 -6.54
CA LEU C 108 20.19 -1.11 -7.86
C LEU C 108 21.53 -0.40 -7.82
N THR C 109 21.79 0.38 -6.76
CA THR C 109 23.08 1.04 -6.62
C THR C 109 24.20 0.02 -6.38
N ALA C 110 23.92 -1.01 -5.59
CA ALA C 110 24.92 -2.06 -5.37
C ALA C 110 25.24 -2.79 -6.67
N LEU C 111 24.22 -3.11 -7.46
CA LEU C 111 24.45 -3.76 -8.75
C LEU C 111 25.16 -2.84 -9.73
N ALA C 112 24.89 -1.53 -9.67
CA ALA C 112 25.58 -0.59 -10.53
C ALA C 112 27.06 -0.49 -10.15
N HIS C 113 27.37 -0.60 -8.86
CA HIS C 113 28.76 -0.64 -8.43
C HIS C 113 29.43 -1.94 -8.87
N LEU C 114 28.73 -3.07 -8.74
CA LEU C 114 29.33 -4.35 -9.04
C LEU C 114 29.55 -4.54 -10.53
N TYR C 115 28.62 -4.08 -11.37
CA TYR C 115 28.66 -4.31 -12.80
C TYR C 115 29.04 -3.06 -13.59
N ASN C 116 29.36 -1.96 -12.92
CA ASN C 116 29.86 -0.75 -13.56
C ASN C 116 28.86 -0.18 -14.56
N PHE C 117 27.82 0.48 -14.08
CA PHE C 117 26.88 1.19 -14.93
C PHE C 117 26.18 2.27 -14.11
N GLN C 118 25.51 3.18 -14.82
CA GLN C 118 24.73 4.24 -14.20
C GLN C 118 23.29 4.11 -14.68
N ALA C 119 22.44 3.50 -13.85
CA ALA C 119 21.05 3.29 -14.20
C ALA C 119 20.28 4.61 -14.17
N THR C 120 19.41 4.80 -15.17
CA THR C 120 18.54 5.96 -15.26
C THR C 120 17.12 5.50 -14.98
N VAL C 121 16.59 5.86 -13.82
CA VAL C 121 15.26 5.46 -13.40
C VAL C 121 14.28 6.54 -13.81
N TYR C 122 13.30 6.18 -14.64
CA TYR C 122 12.29 7.11 -15.12
C TYR C 122 11.01 6.88 -14.31
N SER C 123 10.99 7.49 -13.12
CA SER C 123 9.88 7.33 -12.20
C SER C 123 8.72 8.23 -12.60
N ASP C 124 7.65 8.20 -11.79
CA ASP C 124 6.51 9.09 -12.03
C ASP C 124 6.81 10.53 -11.65
N ARG C 125 7.88 10.77 -10.88
CA ARG C 125 8.25 12.10 -10.45
C ARG C 125 9.41 12.68 -11.24
N GLY C 126 9.91 11.96 -12.24
CA GLY C 126 10.98 12.46 -13.07
C GLY C 126 12.14 11.47 -13.18
N PRO C 127 13.18 11.86 -13.93
CA PRO C 127 14.33 10.97 -14.11
C PRO C 127 15.37 11.14 -13.02
N ILE C 128 15.85 10.02 -12.47
CA ILE C 128 16.89 10.01 -11.45
C ILE C 128 18.01 9.10 -11.93
N LEU C 129 19.20 9.31 -11.37
CA LEU C 129 20.38 8.52 -11.70
C LEU C 129 20.86 7.77 -10.47
N PHE C 130 21.27 6.52 -10.68
CA PHE C 130 21.81 5.70 -9.61
C PHE C 130 23.00 4.91 -10.13
N GLY C 131 24.15 5.07 -9.48
CA GLY C 131 25.32 4.30 -9.85
C GLY C 131 26.51 5.15 -10.27
N PRO C 132 27.69 4.55 -10.23
CA PRO C 132 28.92 5.33 -10.46
C PRO C 132 28.93 5.98 -11.84
N SER C 133 29.35 7.24 -11.86
CA SER C 133 29.49 7.97 -13.13
C SER C 133 30.78 7.61 -13.85
N ASP C 134 31.77 7.06 -13.14
CA ASP C 134 33.02 6.64 -13.76
C ASP C 134 32.86 5.28 -14.43
N THR C 135 31.83 5.15 -15.27
CA THR C 135 31.53 3.90 -15.95
C THR C 135 31.34 4.12 -17.44
N ILE C 136 30.76 3.14 -18.13
CA ILE C 136 30.51 3.25 -19.56
C ILE C 136 29.07 2.84 -19.84
N LYS C 137 28.65 1.70 -19.27
CA LYS C 137 27.31 1.20 -19.49
C LYS C 137 26.27 2.14 -18.88
N ARG C 138 25.16 2.31 -19.59
CA ARG C 138 24.07 3.18 -19.15
C ARG C 138 22.75 2.47 -19.45
N ILE C 139 22.10 1.98 -18.40
CA ILE C 139 20.82 1.28 -18.54
C ILE C 139 19.70 2.23 -18.14
N ASP C 140 18.49 1.90 -18.60
CA ASP C 140 17.31 2.73 -18.36
C ASP C 140 16.22 1.89 -17.73
N ILE C 141 15.63 2.40 -16.65
CA ILE C 141 14.60 1.69 -15.90
C ILE C 141 13.39 2.61 -15.77
N THR C 142 12.20 2.03 -15.94
CA THR C 142 10.93 2.73 -15.75
C THR C 142 10.34 2.32 -14.41
N HIS C 143 9.99 3.32 -13.59
CA HIS C 143 9.48 3.13 -12.24
C HIS C 143 8.04 3.60 -12.20
N THR C 144 7.17 2.77 -11.63
CA THR C 144 5.74 3.06 -11.53
C THR C 144 5.35 3.19 -10.08
N THR C 145 4.62 4.27 -9.76
CA THR C 145 4.12 4.44 -8.39
C THR C 145 3.06 3.39 -8.06
N GLY C 146 2.31 2.94 -9.07
CA GLY C 146 1.42 1.80 -8.92
C GLY C 146 0.07 2.15 -8.33
N PRO C 147 -0.21 1.67 -7.11
CA PRO C 147 0.73 0.96 -6.24
C PRO C 147 0.97 -0.51 -6.59
N PRO C 148 2.16 -1.04 -6.24
CA PRO C 148 3.25 -0.24 -5.70
C PRO C 148 4.21 0.12 -6.81
N SER C 149 5.46 0.39 -6.47
CA SER C 149 6.46 0.65 -7.48
C SER C 149 6.67 -0.59 -8.36
N HIS C 150 6.50 -0.42 -9.66
CA HIS C 150 6.77 -1.48 -10.63
C HIS C 150 8.00 -1.10 -11.44
N PHE C 151 8.90 -2.05 -11.62
CA PHE C 151 10.13 -1.84 -12.36
C PHE C 151 10.03 -2.51 -13.71
N SER C 152 10.33 -1.76 -14.77
CA SER C 152 10.37 -2.28 -16.12
C SER C 152 11.60 -1.74 -16.82
N PRO C 153 12.01 -2.34 -17.93
CA PRO C 153 13.13 -1.78 -18.69
C PRO C 153 12.70 -0.59 -19.54
N GLY C 154 13.71 0.16 -20.00
CA GLY C 154 13.47 1.27 -20.90
C GLY C 154 12.87 2.50 -20.22
N LYS C 155 12.31 3.37 -21.04
CA LYS C 155 11.70 4.62 -20.60
C LYS C 155 10.30 4.74 -21.19
N ARG C 156 9.58 5.78 -20.76
CA ARG C 156 8.23 6.02 -21.22
C ARG C 156 8.03 7.51 -21.47
N LEU C 157 6.90 7.84 -22.08
CA LEU C 157 6.55 9.23 -22.38
C LEU C 157 5.12 9.53 -21.92
N MET D 11 11.92 29.05 13.17
CA MET D 11 13.05 29.10 12.23
C MET D 11 12.63 28.63 10.84
N GLN D 12 13.57 28.67 9.90
CA GLN D 12 13.28 28.31 8.52
C GLN D 12 14.52 27.62 7.93
N ILE D 13 14.31 26.49 7.27
CA ILE D 13 15.38 25.70 6.69
C ILE D 13 15.05 25.45 5.21
N PHE D 14 15.99 24.80 4.53
CA PHE D 14 15.85 24.46 3.11
C PHE D 14 16.11 22.98 2.92
N VAL D 15 15.51 22.42 1.87
CA VAL D 15 15.62 20.99 1.56
C VAL D 15 15.95 20.85 0.08
N LYS D 16 17.11 20.29 -0.22
CA LYS D 16 17.52 20.04 -1.59
C LYS D 16 17.12 18.62 -1.98
N THR D 17 16.27 18.50 -3.00
CA THR D 17 15.69 17.22 -3.40
C THR D 17 16.59 16.52 -4.42
N LEU D 18 16.20 15.28 -4.76
CA LEU D 18 16.89 14.51 -5.79
C LEU D 18 16.59 14.99 -7.20
N THR D 19 15.67 15.95 -7.36
CA THR D 19 15.35 16.52 -8.65
C THR D 19 15.88 17.95 -8.79
N GLY D 20 16.81 18.36 -7.93
CA GLY D 20 17.41 19.67 -7.99
C GLY D 20 16.62 20.77 -7.33
N LYS D 21 15.31 20.58 -7.12
CA LYS D 21 14.47 21.62 -6.54
C LYS D 21 14.82 21.81 -5.06
N THR D 22 15.07 23.06 -4.68
CA THR D 22 15.37 23.43 -3.30
C THR D 22 14.11 24.04 -2.68
N ILE D 23 13.43 23.28 -1.84
CA ILE D 23 12.22 23.75 -1.17
C ILE D 23 12.61 24.56 0.07
N THR D 24 11.77 25.54 0.39
CA THR D 24 11.92 26.35 1.59
C THR D 24 10.84 25.94 2.58
N LEU D 25 11.25 25.44 3.75
CA LEU D 25 10.33 24.92 4.74
C LEU D 25 10.49 25.68 6.05
N GLU D 26 9.38 25.79 6.79
CA GLU D 26 9.36 26.44 8.09
C GLU D 26 8.98 25.40 9.14
N VAL D 27 9.88 25.15 10.09
CA VAL D 27 9.69 24.14 11.11
C VAL D 27 10.16 24.70 12.46
N GLU D 28 9.81 23.97 13.54
CA GLU D 28 10.24 24.31 14.89
C GLU D 28 11.59 23.69 15.20
N PRO D 29 12.36 24.28 16.11
CA PRO D 29 13.63 23.65 16.50
C PRO D 29 13.45 22.31 17.18
N SER D 30 12.29 22.07 17.81
CA SER D 30 11.99 20.80 18.46
C SER D 30 11.11 19.91 17.59
N ASP D 31 11.08 20.17 16.28
CA ASP D 31 10.24 19.39 15.38
C ASP D 31 10.88 18.04 15.08
N THR D 32 10.05 17.00 15.06
CA THR D 32 10.53 15.65 14.81
C THR D 32 10.75 15.42 13.31
N ILE D 33 11.66 14.50 13.00
CA ILE D 33 11.97 14.20 11.60
C ILE D 33 10.74 13.63 10.89
N GLU D 34 9.89 12.90 11.60
CA GLU D 34 8.67 12.39 11.00
C GLU D 34 7.76 13.52 10.53
N ASN D 35 7.58 14.54 11.36
CA ASN D 35 6.76 15.68 10.96
C ASN D 35 7.42 16.49 9.86
N VAL D 36 8.76 16.53 9.84
CA VAL D 36 9.45 17.18 8.73
C VAL D 36 9.19 16.45 7.42
N LYS D 37 9.23 15.12 7.45
CA LYS D 37 8.89 14.35 6.27
C LYS D 37 7.43 14.51 5.88
N ALA D 38 6.55 14.70 6.87
CA ALA D 38 5.15 14.98 6.56
C ALA D 38 5.00 16.33 5.86
N LYS D 39 5.73 17.34 6.32
CA LYS D 39 5.68 18.64 5.66
C LYS D 39 6.31 18.59 4.26
N ILE D 40 7.32 17.74 4.06
CA ILE D 40 7.87 17.54 2.73
C ILE D 40 6.84 16.86 1.84
N GLN D 41 6.09 15.89 2.39
CA GLN D 41 5.00 15.27 1.66
C GLN D 41 3.94 16.30 1.28
N ASP D 42 3.70 17.27 2.16
CA ASP D 42 2.75 18.34 1.84
C ASP D 42 3.28 19.21 0.70
N LYS D 43 4.54 19.63 0.78
CA LYS D 43 5.10 20.52 -0.22
C LYS D 43 5.20 19.85 -1.60
N GLU D 44 5.69 18.61 -1.64
CA GLU D 44 5.90 17.91 -2.90
C GLU D 44 4.81 16.87 -3.17
N GLY D 45 4.73 15.85 -2.32
CA GLY D 45 3.80 14.76 -2.51
C GLY D 45 4.50 13.42 -2.36
N ILE D 46 5.71 13.44 -1.83
CA ILE D 46 6.51 12.25 -1.65
C ILE D 46 6.13 11.62 -0.31
N PRO D 47 5.63 10.39 -0.28
CA PRO D 47 5.26 9.78 0.99
C PRO D 47 6.49 9.54 1.85
N PRO D 48 6.36 9.52 3.17
CA PRO D 48 7.50 9.17 4.04
C PRO D 48 8.05 7.78 3.79
N ASP D 49 7.38 6.96 2.98
CA ASP D 49 7.91 5.65 2.61
C ASP D 49 9.18 5.78 1.77
N GLN D 50 9.27 6.83 0.95
CA GLN D 50 10.39 7.02 0.04
C GLN D 50 11.26 8.22 0.41
N GLN D 51 11.25 8.63 1.68
CA GLN D 51 12.00 9.79 2.12
C GLN D 51 13.14 9.36 3.03
N ARG D 52 14.35 9.85 2.74
CA ARG D 52 15.49 9.69 3.64
C ARG D 52 16.25 11.00 3.67
N LEU D 53 16.29 11.64 4.83
CA LEU D 53 16.91 12.96 4.97
C LEU D 53 18.33 12.81 5.48
N ILE D 54 19.22 13.66 4.95
CA ILE D 54 20.64 13.62 5.26
C ILE D 54 21.09 15.02 5.63
N PHE D 55 21.89 15.12 6.70
CA PHE D 55 22.48 16.37 7.15
C PHE D 55 23.99 16.15 7.20
N ALA D 56 24.69 16.54 6.14
CA ALA D 56 26.13 16.40 6.01
C ALA D 56 26.57 14.94 6.12
N GLY D 57 26.10 14.14 5.19
CA GLY D 57 26.55 12.76 5.06
C GLY D 57 25.85 11.74 5.94
N LYS D 58 25.31 12.18 7.07
CA LYS D 58 24.69 11.28 8.02
C LYS D 58 23.18 11.20 7.76
N GLN D 59 22.70 9.99 7.50
CA GLN D 59 21.28 9.77 7.25
C GLN D 59 20.50 9.89 8.56
N LEU D 60 19.61 10.87 8.64
CA LEU D 60 18.90 11.16 9.88
C LEU D 60 17.92 10.04 10.22
N GLU D 61 17.64 9.89 11.51
CA GLU D 61 16.68 8.92 12.02
C GLU D 61 15.33 9.60 12.22
N ASP D 62 14.26 8.87 11.93
CA ASP D 62 12.92 9.43 12.05
C ASP D 62 12.58 9.79 13.49
N GLY D 63 12.97 8.94 14.44
CA GLY D 63 12.63 9.15 15.83
C GLY D 63 13.53 10.14 16.55
N ARG D 64 13.89 11.23 15.88
CA ARG D 64 14.73 12.27 16.46
C ARG D 64 14.23 13.62 16.00
N THR D 65 14.80 14.67 16.59
CA THR D 65 14.43 16.05 16.29
C THR D 65 15.59 16.79 15.63
N LEU D 66 15.30 17.98 15.12
CA LEU D 66 16.32 18.78 14.45
C LEU D 66 17.38 19.26 15.43
N SER D 67 16.98 19.56 16.67
CA SER D 67 17.95 20.06 17.66
C SER D 67 19.00 19.02 18.02
N ASP D 68 18.65 17.74 17.91
CA ASP D 68 19.60 16.69 18.27
C ASP D 68 20.79 16.65 17.32
N TYR D 69 20.57 16.96 16.04
CA TYR D 69 21.65 17.01 15.06
C TYR D 69 22.25 18.40 14.92
N ASN D 70 21.87 19.34 15.79
CA ASN D 70 22.38 20.70 15.80
C ASN D 70 22.15 21.38 14.44
N ILE D 71 20.91 21.37 13.99
CA ILE D 71 20.50 21.98 12.73
C ILE D 71 19.91 23.35 13.04
N GLN D 72 20.60 24.40 12.62
CA GLN D 72 20.14 25.76 12.82
C GLN D 72 19.16 26.15 11.72
N LYS D 73 18.70 27.40 11.77
CA LYS D 73 17.90 27.94 10.69
C LYS D 73 18.77 28.18 9.47
N GLU D 74 18.15 28.08 8.29
CA GLU D 74 18.80 28.25 6.99
C GLU D 74 19.81 27.14 6.69
N SER D 75 19.76 26.04 7.43
CA SER D 75 20.65 24.91 7.20
C SER D 75 19.97 23.95 6.23
N THR D 76 20.64 23.66 5.10
CA THR D 76 20.05 22.83 4.06
C THR D 76 20.17 21.35 4.41
N LEU D 77 19.11 20.61 4.12
CA LEU D 77 19.06 19.16 4.31
C LEU D 77 18.84 18.50 2.96
N HIS D 78 19.60 17.44 2.69
CA HIS D 78 19.45 16.72 1.44
C HIS D 78 18.38 15.64 1.57
N LEU D 79 17.64 15.43 0.48
CA LEU D 79 16.58 14.43 0.43
C LEU D 79 16.94 13.37 -0.58
N VAL D 80 16.88 12.10 -0.18
CA VAL D 80 17.16 10.97 -1.04
C VAL D 80 15.93 10.07 -1.07
N LEU D 81 15.54 9.63 -2.26
CA LEU D 81 14.37 8.79 -2.42
C LEU D 81 14.77 7.33 -2.31
N ARG D 82 14.06 6.60 -1.45
CA ARG D 82 14.29 5.17 -1.26
C ARG D 82 13.16 4.43 -1.95
N LEU D 83 13.21 4.40 -3.28
CA LEU D 83 12.14 3.83 -4.07
C LEU D 83 12.13 2.32 -3.95
N ARG D 84 11.02 1.76 -3.47
CA ARG D 84 10.90 0.32 -3.29
C ARG D 84 10.42 -0.28 -4.62
N GLY D 85 9.81 -1.46 -4.59
CA GLY D 85 9.23 -2.04 -5.79
C GLY D 85 9.55 -3.49 -6.06
#